data_3AIV
#
_entry.id   3AIV
#
_cell.length_a   194.187
_cell.length_b   194.187
_cell.length_c   194.187
_cell.angle_alpha   90.00
_cell.angle_beta   90.00
_cell.angle_gamma   90.00
#
_symmetry.space_group_name_H-M   'P 41 3 2'
#
loop_
_entity.id
_entity.type
_entity.pdbx_description
1 polymer Beta-glucosidase
2 non-polymer 2,4-DIHYDROXY-7-(METHYLOXY)-2H-1,4-BENZOXAZIN-3(4H)-ONE
3 water water
#
_entity_poly.entity_id   1
_entity_poly.type   'polypeptide(L)'
_entity_poly.pdbx_seq_one_letter_code
;MHHHHHHSSGLVPRGSGMKETAAAKFERQHMDSPDLGTDDDDKAMAGTPSKPSEPIGPVFTKLKPWQIPKRDWFSKDFLF
GASTSAYQIEGAWNEDGKGPSTWDHFCHTYPERISDGTNGDVAANSYHMYEEDVKALKDMGMKVYRFSISWSRILPNGTG
KPNQKGIDYYNNLINSLIRHGIVPYVTIWHWDTPQALEDKYGGFLDKQIVNDYKYFAELCFQSFGDRVKNWFTFNEPHTY
CCFSYGEGIHAPGRCSPGLDCAVPEGDSLREPYTAGHHILLAHAEAVELFKAHYNKHGDSKIGMAFDVMGYEPYQDSFLD
DQARERSIDYNMGWFLEPVVRGDYPFSMRSLIGDRLPMFTKEEQEKLASSCDIMGLNYYTSRFSKHVDISSDYTPTLNTD
DAYASSETTGSDGNEIGPITGTYWIYMYPKGLTDLLLIMKEKYGNPPIFITENGIADVEGDPEMPDPLDDWKRLDYLQRH
ISAVKDAIDQGADVRGHFTWGLIDNFEWGSGYSSRFGLVYIDKEDGNKRKLKKSAKWFAKFNSVPKTLLKTTNNNATVTA
SVSV
;
_entity_poly.pdbx_strand_id   A
#
# COMPACT_ATOMS: atom_id res chain seq x y z
N VAL A 59 9.62 -19.98 19.69
CA VAL A 59 10.74 -18.99 19.96
C VAL A 59 10.65 -17.64 19.19
N PHE A 60 10.10 -16.65 19.91
CA PHE A 60 10.00 -15.33 19.33
C PHE A 60 10.42 -14.35 20.40
N THR A 61 11.65 -13.87 20.38
CA THR A 61 12.18 -13.02 21.42
C THR A 61 11.68 -11.61 21.37
N LYS A 62 11.17 -11.10 22.48
CA LYS A 62 10.60 -9.78 22.51
C LYS A 62 11.60 -8.73 22.99
N LEU A 63 11.31 -7.47 22.73
CA LEU A 63 12.16 -6.40 23.29
C LEU A 63 12.24 -6.47 24.82
N LYS A 64 13.35 -6.07 25.40
CA LYS A 64 13.44 -5.85 26.82
C LYS A 64 12.57 -4.61 27.13
N PRO A 65 11.93 -4.58 28.30
CA PRO A 65 11.01 -3.43 28.61
C PRO A 65 11.67 -2.05 28.50
N TRP A 66 12.97 -1.94 28.76
CA TRP A 66 13.59 -0.61 28.60
C TRP A 66 13.88 -0.24 27.15
N GLN A 67 13.54 -1.10 26.22
CA GLN A 67 13.80 -0.80 24.82
C GLN A 67 12.52 -0.44 24.08
N ILE A 68 11.40 -0.42 24.80
CA ILE A 68 10.12 -0.20 24.18
C ILE A 68 9.99 1.31 23.89
N PRO A 69 9.50 1.71 22.69
CA PRO A 69 9.41 3.15 22.38
C PRO A 69 8.47 3.84 23.31
N LYS A 70 8.67 5.12 23.50
CA LYS A 70 7.78 5.96 24.27
C LYS A 70 7.38 7.10 23.34
N ARG A 71 6.18 7.63 23.47
CA ARG A 71 5.82 8.73 22.64
C ARG A 71 6.80 9.91 22.64
N ASP A 72 7.42 10.24 23.82
CA ASP A 72 8.53 11.27 24.00
C ASP A 72 9.65 11.05 22.94
N TRP A 73 9.93 9.83 22.50
CA TRP A 73 10.93 9.61 21.50
C TRP A 73 10.71 10.47 20.21
N PHE A 74 9.49 10.89 19.95
CA PHE A 74 9.24 11.58 18.72
C PHE A 74 8.78 12.95 19.00
N SER A 75 8.85 13.82 18.00
CA SER A 75 8.48 15.25 18.19
C SER A 75 6.96 15.40 18.43
N LYS A 76 6.57 16.56 18.86
CA LYS A 76 5.21 16.87 19.10
C LYS A 76 4.40 16.75 17.77
N ASP A 77 5.02 17.12 16.65
CA ASP A 77 4.36 17.17 15.39
C ASP A 77 4.35 15.80 14.66
N PHE A 78 5.13 14.80 15.15
CA PHE A 78 5.21 13.52 14.51
C PHE A 78 3.79 12.89 14.66
N LEU A 79 3.34 12.14 13.66
CA LEU A 79 2.00 11.64 13.64
C LEU A 79 1.89 10.11 13.66
N PHE A 80 1.08 9.59 14.57
CA PHE A 80 0.81 8.16 14.70
C PHE A 80 -0.59 7.91 14.23
N GLY A 81 -0.77 6.88 13.44
CA GLY A 81 -2.13 6.59 12.91
C GLY A 81 -2.27 5.10 12.49
N ALA A 82 -3.33 4.82 11.73
CA ALA A 82 -3.59 3.45 11.26
C ALA A 82 -4.26 3.59 9.91
N SER A 83 -4.22 2.49 9.15
CA SER A 83 -4.73 2.56 7.79
C SER A 83 -5.76 1.46 7.43
N THR A 84 -6.51 1.74 6.37
CA THR A 84 -7.40 0.78 5.77
C THR A 84 -7.55 1.17 4.25
N SER A 85 -8.31 0.39 3.47
CA SER A 85 -8.65 0.76 2.11
C SER A 85 -10.15 0.36 1.92
N ALA A 86 -10.82 1.06 1.04
CA ALA A 86 -12.22 0.88 0.75
C ALA A 86 -12.67 -0.55 0.59
N TYR A 87 -12.13 -1.23 -0.43
CA TYR A 87 -12.53 -2.58 -0.71
C TYR A 87 -12.30 -3.48 0.48
N GLN A 88 -11.30 -3.14 1.28
CA GLN A 88 -10.96 -4.10 2.30
C GLN A 88 -11.86 -4.04 3.54
N ILE A 89 -12.55 -2.90 3.78
CA ILE A 89 -13.36 -2.77 4.98
C ILE A 89 -14.84 -2.32 4.79
N GLU A 90 -15.15 -1.65 3.70
CA GLU A 90 -16.46 -1.07 3.46
C GLU A 90 -17.65 -2.03 3.41
N GLY A 91 -17.53 -3.11 2.68
CA GLY A 91 -18.76 -3.86 2.36
C GLY A 91 -19.72 -3.05 1.44
N ALA A 92 -21.02 -3.35 1.52
CA ALA A 92 -22.04 -2.59 0.81
C ALA A 92 -21.68 -2.46 -0.70
N TRP A 93 -21.23 -3.55 -1.29
CA TRP A 93 -20.58 -3.45 -2.57
C TRP A 93 -21.49 -3.03 -3.63
N ASN A 94 -22.80 -3.17 -3.39
CA ASN A 94 -23.83 -2.76 -4.39
C ASN A 94 -24.96 -1.93 -3.83
N GLU A 95 -24.75 -1.25 -2.70
CA GLU A 95 -25.79 -0.37 -2.12
C GLU A 95 -25.74 1.05 -2.61
N ASP A 96 -26.84 1.75 -2.43
CA ASP A 96 -26.94 3.15 -2.76
C ASP A 96 -26.33 3.55 -4.08
N GLY A 97 -26.40 2.67 -5.07
CA GLY A 97 -25.95 2.98 -6.41
C GLY A 97 -24.51 2.60 -6.75
N LYS A 98 -23.67 2.27 -5.77
CA LYS A 98 -22.30 1.93 -6.10
C LYS A 98 -22.17 0.98 -7.27
N GLY A 99 -21.23 1.28 -8.17
CA GLY A 99 -21.02 0.37 -9.31
C GLY A 99 -20.06 -0.69 -8.91
N PRO A 100 -19.93 -1.76 -9.70
CA PRO A 100 -18.99 -2.80 -9.31
C PRO A 100 -17.53 -2.37 -9.62
N SER A 101 -16.56 -2.90 -8.84
CA SER A 101 -15.15 -2.63 -9.06
C SER A 101 -14.53 -3.87 -9.63
N THR A 102 -13.27 -3.80 -10.05
CA THR A 102 -12.53 -4.95 -10.57
C THR A 102 -12.39 -5.98 -9.49
N TRP A 103 -12.43 -5.56 -8.24
CA TRP A 103 -12.29 -6.63 -7.18
C TRP A 103 -13.71 -7.35 -6.89
N ASP A 104 -14.82 -6.54 -6.95
CA ASP A 104 -16.14 -7.14 -6.94
C ASP A 104 -16.16 -8.22 -8.02
N HIS A 105 -15.80 -7.79 -9.22
CA HIS A 105 -15.84 -8.69 -10.38
C HIS A 105 -14.94 -9.87 -10.25
N PHE A 106 -13.69 -9.62 -9.83
CA PHE A 106 -12.73 -10.70 -9.67
C PHE A 106 -13.23 -11.77 -8.64
N CYS A 107 -13.65 -11.34 -7.45
CA CYS A 107 -14.24 -12.33 -6.46
C CYS A 107 -15.53 -13.01 -6.97
N HIS A 108 -16.37 -12.25 -7.64
CA HIS A 108 -17.65 -12.79 -8.10
C HIS A 108 -17.50 -13.72 -9.31
N THR A 109 -16.39 -13.61 -10.09
CA THR A 109 -16.29 -14.51 -11.17
C THR A 109 -15.20 -15.53 -10.97
N TYR A 110 -14.27 -15.24 -10.09
CA TYR A 110 -13.13 -16.21 -9.82
C TYR A 110 -12.96 -16.45 -8.31
N PRO A 111 -14.10 -16.81 -7.63
CA PRO A 111 -14.09 -16.95 -6.16
C PRO A 111 -13.02 -17.90 -5.70
N GLU A 112 -12.62 -18.83 -6.50
CA GLU A 112 -11.66 -19.84 -6.05
C GLU A 112 -10.24 -19.23 -5.91
N ARG A 113 -10.05 -18.00 -6.38
CA ARG A 113 -8.71 -17.35 -6.23
C ARG A 113 -8.56 -16.68 -4.85
N ILE A 114 -9.55 -16.82 -3.97
CA ILE A 114 -9.41 -16.34 -2.63
C ILE A 114 -9.23 -17.58 -1.75
N SER A 115 -8.11 -17.73 -1.08
CA SER A 115 -7.80 -18.86 -0.23
C SER A 115 -8.93 -19.38 0.63
N ASP A 116 -9.64 -18.52 1.37
CA ASP A 116 -10.58 -19.02 2.35
C ASP A 116 -12.04 -18.88 1.73
N GLY A 117 -12.12 -18.66 0.41
CA GLY A 117 -13.39 -18.69 -0.22
C GLY A 117 -14.24 -17.53 0.17
N THR A 118 -13.68 -16.37 0.50
CA THR A 118 -14.53 -15.23 0.96
C THR A 118 -14.39 -14.13 -0.04
N ASN A 119 -14.99 -12.99 0.21
CA ASN A 119 -14.89 -11.86 -0.71
C ASN A 119 -15.15 -10.59 0.09
N GLY A 120 -15.16 -9.44 -0.57
CA GLY A 120 -15.41 -8.22 0.13
C GLY A 120 -16.77 -7.66 0.07
N ASP A 121 -17.79 -8.51 -0.06
CA ASP A 121 -19.14 -7.99 -0.27
C ASP A 121 -19.54 -7.19 0.95
N VAL A 122 -19.05 -7.63 2.08
CA VAL A 122 -19.51 -7.02 3.31
C VAL A 122 -18.30 -6.64 4.16
N ALA A 123 -17.25 -7.46 4.15
CA ALA A 123 -16.03 -7.12 4.91
C ALA A 123 -16.30 -6.70 6.37
N ALA A 124 -15.86 -5.50 6.72
CA ALA A 124 -16.00 -5.07 8.09
C ALA A 124 -17.24 -4.22 8.15
N ASN A 125 -17.94 -4.12 7.06
CA ASN A 125 -19.18 -3.35 7.02
C ASN A 125 -19.00 -1.94 7.43
N SER A 126 -17.89 -1.34 7.02
CA SER A 126 -17.55 0.01 7.40
C SER A 126 -18.32 1.04 6.68
N TYR A 127 -19.01 0.62 5.64
CA TYR A 127 -19.96 1.56 5.03
C TYR A 127 -21.09 1.98 6.02
N HIS A 128 -21.46 1.06 6.87
CA HIS A 128 -22.45 1.32 7.88
C HIS A 128 -21.82 1.53 9.25
N MET A 129 -20.69 0.87 9.54
CA MET A 129 -20.17 0.98 10.87
C MET A 129 -19.02 1.97 11.10
N TYR A 130 -18.86 2.93 10.20
CA TYR A 130 -17.65 3.77 10.21
C TYR A 130 -17.47 4.47 11.51
N GLU A 131 -18.59 4.83 12.13
CA GLU A 131 -18.51 5.48 13.51
C GLU A 131 -17.72 4.63 14.52
N GLU A 132 -17.85 3.33 14.39
CA GLU A 132 -17.07 2.43 15.19
C GLU A 132 -15.53 2.47 14.88
N ASP A 133 -15.20 2.68 13.59
CA ASP A 133 -13.80 2.79 13.22
C ASP A 133 -13.17 4.06 13.84
N VAL A 134 -13.89 5.18 13.67
CA VAL A 134 -13.48 6.43 14.25
C VAL A 134 -13.27 6.26 15.74
N LYS A 135 -14.18 5.55 16.39
CA LYS A 135 -14.11 5.36 17.84
C LYS A 135 -12.89 4.60 18.22
N ALA A 136 -12.54 3.60 17.45
CA ALA A 136 -11.39 2.75 17.75
C ALA A 136 -10.11 3.58 17.60
N LEU A 137 -10.10 4.53 16.64
CA LEU A 137 -8.95 5.44 16.48
C LEU A 137 -8.87 6.29 17.73
N LYS A 138 -10.00 6.85 18.11
CA LYS A 138 -9.99 7.75 19.24
C LYS A 138 -9.60 6.98 20.49
N ASP A 139 -10.10 5.75 20.62
CA ASP A 139 -9.76 4.95 21.83
C ASP A 139 -8.26 4.64 21.94
N MET A 140 -7.59 4.48 20.77
CA MET A 140 -6.11 4.24 20.73
C MET A 140 -5.34 5.55 20.82
N GLY A 141 -6.06 6.68 20.60
CA GLY A 141 -5.41 7.97 20.61
C GLY A 141 -4.64 8.31 19.33
N MET A 142 -4.95 7.64 18.22
CA MET A 142 -4.32 7.95 16.95
C MET A 142 -4.68 9.38 16.50
N LYS A 143 -3.72 10.03 15.81
CA LYS A 143 -3.97 11.41 15.31
C LYS A 143 -4.32 11.43 13.85
N VAL A 144 -4.00 10.34 13.15
CA VAL A 144 -4.23 10.27 11.77
C VAL A 144 -4.98 9.02 11.38
N TYR A 145 -5.86 9.16 10.39
CA TYR A 145 -6.49 8.00 9.80
C TYR A 145 -6.25 7.99 8.33
N ARG A 146 -5.55 6.98 7.81
CA ARG A 146 -5.34 6.84 6.39
C ARG A 146 -6.38 5.83 5.78
N PHE A 147 -7.30 6.33 4.93
CA PHE A 147 -8.30 5.51 4.30
C PHE A 147 -8.39 5.85 2.85
N SER A 148 -9.08 5.00 2.06
CA SER A 148 -9.17 5.25 0.61
C SER A 148 -10.61 5.47 0.17
N ILE A 149 -10.77 6.13 -0.95
CA ILE A 149 -12.04 6.44 -1.54
C ILE A 149 -12.34 5.43 -2.64
N SER A 150 -13.55 4.84 -2.61
CA SER A 150 -13.93 3.87 -3.61
C SER A 150 -14.36 4.59 -4.87
N TRP A 151 -13.53 4.51 -5.91
CA TRP A 151 -13.82 5.11 -7.17
C TRP A 151 -15.26 4.68 -7.63
N SER A 152 -15.58 3.40 -7.58
CA SER A 152 -16.84 2.91 -8.09
C SER A 152 -18.04 3.24 -7.22
N ARG A 153 -17.81 3.69 -5.99
CA ARG A 153 -18.90 4.12 -5.15
C ARG A 153 -19.27 5.56 -5.46
N ILE A 154 -18.30 6.36 -5.90
CA ILE A 154 -18.48 7.80 -6.15
C ILE A 154 -18.89 8.00 -7.61
N LEU A 155 -18.49 7.07 -8.48
CA LEU A 155 -18.75 7.21 -9.89
C LEU A 155 -18.91 5.82 -10.33
N PRO A 156 -20.17 5.32 -10.26
CA PRO A 156 -20.51 3.93 -10.53
C PRO A 156 -20.06 3.50 -11.90
N ASN A 157 -20.15 4.38 -12.88
CA ASN A 157 -19.54 4.10 -14.21
C ASN A 157 -18.09 4.55 -14.51
N GLY A 158 -17.32 4.86 -13.49
CA GLY A 158 -15.93 5.26 -13.64
C GLY A 158 -15.90 6.73 -14.02
N THR A 159 -16.78 7.03 -14.97
CA THR A 159 -16.91 8.35 -15.54
C THR A 159 -18.36 8.87 -15.46
N GLY A 160 -18.57 10.17 -15.64
CA GLY A 160 -19.91 10.69 -15.73
C GLY A 160 -20.51 11.17 -14.42
N LYS A 161 -21.77 10.77 -14.21
CA LYS A 161 -22.56 11.28 -13.13
C LYS A 161 -22.13 10.80 -11.73
N PRO A 162 -21.79 11.74 -10.81
CA PRO A 162 -21.38 11.35 -9.52
C PRO A 162 -22.55 10.84 -8.70
N ASN A 163 -22.31 9.88 -7.81
CA ASN A 163 -23.32 9.31 -6.93
C ASN A 163 -23.32 10.03 -5.58
N GLN A 164 -24.27 10.97 -5.37
CA GLN A 164 -24.43 11.67 -4.07
C GLN A 164 -24.32 10.81 -2.81
N LYS A 165 -24.95 9.64 -2.80
CA LYS A 165 -24.88 8.79 -1.62
C LYS A 165 -23.44 8.39 -1.31
N GLY A 166 -22.66 8.18 -2.38
CA GLY A 166 -21.24 7.95 -2.27
C GLY A 166 -20.50 9.13 -1.67
N ILE A 167 -20.69 10.34 -2.21
CA ILE A 167 -20.04 11.54 -1.67
C ILE A 167 -20.40 11.69 -0.19
N ASP A 168 -21.71 11.54 0.11
CA ASP A 168 -22.23 11.73 1.48
C ASP A 168 -21.48 10.82 2.46
N TYR A 169 -21.26 9.57 2.06
CA TYR A 169 -20.64 8.64 2.92
C TYR A 169 -19.30 9.14 3.39
N TYR A 170 -18.43 9.46 2.43
CA TYR A 170 -17.12 10.04 2.75
C TYR A 170 -17.19 11.32 3.54
N ASN A 171 -18.19 12.16 3.21
CA ASN A 171 -18.28 13.40 3.97
C ASN A 171 -18.56 13.11 5.40
N ASN A 172 -19.35 12.06 5.62
CA ASN A 172 -19.69 11.73 7.00
C ASN A 172 -18.49 11.19 7.76
N LEU A 173 -17.73 10.31 7.11
CA LEU A 173 -16.53 9.76 7.77
C LEU A 173 -15.58 10.92 8.08
N ILE A 174 -15.39 11.79 7.07
CA ILE A 174 -14.45 12.87 7.19
C ILE A 174 -14.87 13.81 8.34
N ASN A 175 -16.16 14.17 8.35
CA ASN A 175 -16.67 15.09 9.37
C ASN A 175 -16.58 14.47 10.76
N SER A 176 -16.78 13.16 10.85
CA SER A 176 -16.65 12.46 12.14
C SER A 176 -15.17 12.49 12.63
N LEU A 177 -14.25 12.22 11.72
CA LEU A 177 -12.86 12.31 12.09
C LEU A 177 -12.52 13.66 12.65
N ILE A 178 -12.88 14.71 11.90
CA ILE A 178 -12.49 16.09 12.28
C ILE A 178 -13.11 16.38 13.65
N ARG A 179 -14.37 15.95 13.76
CA ARG A 179 -15.15 16.18 14.95
C ARG A 179 -14.38 15.51 16.11
N HIS A 180 -13.69 14.39 15.88
CA HIS A 180 -12.95 13.73 16.97
C HIS A 180 -11.44 14.02 17.03
N GLY A 181 -11.04 15.04 16.33
CA GLY A 181 -9.70 15.48 16.39
C GLY A 181 -8.74 14.60 15.63
N ILE A 182 -9.21 13.95 14.56
CA ILE A 182 -8.39 13.00 13.81
C ILE A 182 -8.21 13.52 12.40
N VAL A 183 -6.96 13.53 11.89
CA VAL A 183 -6.70 14.12 10.60
C VAL A 183 -6.80 13.05 9.57
N PRO A 184 -7.60 13.28 8.54
CA PRO A 184 -7.70 12.30 7.41
C PRO A 184 -6.61 12.40 6.33
N TYR A 185 -5.92 11.31 6.07
CA TYR A 185 -4.98 11.20 4.97
C TYR A 185 -5.67 10.27 3.97
N VAL A 186 -6.00 10.78 2.81
CA VAL A 186 -6.82 10.02 1.87
C VAL A 186 -6.09 9.47 0.67
N THR A 187 -6.15 8.16 0.49
CA THR A 187 -5.62 7.52 -0.71
C THR A 187 -6.74 7.56 -1.81
N ILE A 188 -6.45 8.14 -2.96
CA ILE A 188 -7.46 8.23 -3.98
C ILE A 188 -7.79 6.84 -4.62
N TRP A 189 -6.77 6.07 -4.98
CA TRP A 189 -7.01 4.77 -5.63
C TRP A 189 -6.21 3.70 -4.94
N HIS A 190 -6.88 2.61 -4.63
CA HIS A 190 -6.25 1.52 -3.88
C HIS A 190 -6.69 0.23 -4.57
N TRP A 191 -6.33 0.08 -5.86
CA TRP A 191 -6.56 -1.12 -6.66
C TRP A 191 -8.09 -1.26 -7.02
N ASP A 192 -8.89 -0.40 -6.39
CA ASP A 192 -10.33 -0.37 -6.31
C ASP A 192 -10.93 0.06 -7.77
N THR A 193 -10.43 -0.44 -8.88
CA THR A 193 -10.79 0.20 -10.24
C THR A 193 -12.21 -0.17 -10.74
N PRO A 194 -13.01 0.83 -11.18
CA PRO A 194 -14.41 0.61 -11.67
C PRO A 194 -14.43 -0.40 -12.80
N GLN A 195 -15.12 -1.51 -12.58
CA GLN A 195 -15.29 -2.55 -13.65
C GLN A 195 -15.95 -2.05 -14.99
N ALA A 196 -16.71 -0.97 -14.93
CA ALA A 196 -17.18 -0.34 -16.19
C ALA A 196 -15.97 0.02 -17.07
N LEU A 197 -14.91 0.61 -16.50
CA LEU A 197 -13.72 1.02 -17.29
C LEU A 197 -12.89 -0.22 -17.67
N GLU A 198 -12.85 -1.24 -16.82
CA GLU A 198 -12.20 -2.49 -17.25
C GLU A 198 -12.92 -3.02 -18.50
N ASP A 199 -14.27 -2.96 -18.50
CA ASP A 199 -15.05 -3.56 -19.56
C ASP A 199 -14.94 -2.69 -20.79
N LYS A 200 -15.02 -1.38 -20.57
CA LYS A 200 -14.99 -0.47 -21.68
C LYS A 200 -13.66 -0.53 -22.48
N TYR A 201 -12.50 -0.39 -21.83
CA TYR A 201 -11.24 -0.32 -22.60
C TYR A 201 -10.08 -1.06 -21.96
N GLY A 202 -10.37 -1.89 -20.96
CA GLY A 202 -9.34 -2.72 -20.31
C GLY A 202 -8.65 -1.91 -19.21
N GLY A 203 -9.36 -0.95 -18.61
CA GLY A 203 -8.85 -0.29 -17.44
C GLY A 203 -7.41 0.25 -17.61
N PHE A 204 -6.53 -0.06 -16.68
CA PHE A 204 -5.23 0.63 -16.66
C PHE A 204 -4.34 0.25 -17.82
N LEU A 205 -4.77 -0.68 -18.65
CA LEU A 205 -3.98 -1.06 -19.82
C LEU A 205 -4.22 -0.10 -21.04
N ASP A 206 -5.03 0.93 -20.88
CA ASP A 206 -5.36 1.81 -21.95
C ASP A 206 -5.13 3.21 -21.47
N LYS A 207 -4.68 4.08 -22.37
CA LYS A 207 -4.38 5.51 -22.07
C LYS A 207 -5.56 6.28 -21.54
N GLN A 208 -6.72 5.82 -21.94
CA GLN A 208 -7.93 6.53 -21.58
C GLN A 208 -8.09 6.60 -20.04
N ILE A 209 -7.53 5.57 -19.35
CA ILE A 209 -7.54 5.55 -17.87
C ILE A 209 -6.93 6.80 -17.29
N VAL A 210 -6.05 7.47 -18.04
CA VAL A 210 -5.36 8.63 -17.57
C VAL A 210 -6.31 9.75 -17.33
N ASN A 211 -7.02 10.13 -18.36
CA ASN A 211 -7.99 11.19 -18.20
C ASN A 211 -9.11 10.83 -17.24
N ASP A 212 -9.58 9.58 -17.32
CA ASP A 212 -10.68 9.16 -16.46
C ASP A 212 -10.25 9.25 -14.99
N TYR A 213 -9.00 8.80 -14.69
CA TYR A 213 -8.50 8.93 -13.32
C TYR A 213 -8.47 10.39 -12.88
N LYS A 214 -8.03 11.20 -13.79
CA LYS A 214 -7.96 12.64 -13.54
C LYS A 214 -9.27 13.24 -13.13
N TYR A 215 -10.31 12.93 -13.86
CA TYR A 215 -11.66 13.37 -13.53
C TYR A 215 -12.06 12.86 -12.10
N PHE A 216 -11.80 11.57 -11.84
CA PHE A 216 -12.07 10.98 -10.50
C PHE A 216 -11.36 11.77 -9.41
N ALA A 217 -10.06 12.06 -9.65
CA ALA A 217 -9.28 12.75 -8.66
C ALA A 217 -9.83 14.11 -8.41
N GLU A 218 -10.20 14.76 -9.50
CA GLU A 218 -10.83 16.10 -9.42
C GLU A 218 -12.12 16.11 -8.60
N LEU A 219 -12.99 15.14 -8.88
CA LEU A 219 -14.19 15.02 -8.07
C LEU A 219 -13.84 14.87 -6.57
N CYS A 220 -12.81 14.07 -6.26
CA CYS A 220 -12.40 13.98 -4.85
C CYS A 220 -11.95 15.35 -4.31
N PHE A 221 -11.18 16.09 -5.10
CA PHE A 221 -10.64 17.36 -4.62
C PHE A 221 -11.79 18.29 -4.37
N GLN A 222 -12.77 18.28 -5.29
CA GLN A 222 -13.95 19.18 -5.16
C GLN A 222 -14.80 18.81 -4.04
N SER A 223 -15.03 17.53 -3.87
CA SER A 223 -15.90 17.09 -2.79
C SER A 223 -15.27 17.25 -1.39
N PHE A 224 -13.97 16.99 -1.25
CA PHE A 224 -13.40 16.88 0.09
C PHE A 224 -12.20 17.76 0.36
N GLY A 225 -11.74 18.46 -0.67
CA GLY A 225 -10.55 19.25 -0.53
C GLY A 225 -10.63 20.37 0.49
N ASP A 226 -11.80 20.83 0.84
CA ASP A 226 -11.90 21.88 1.83
C ASP A 226 -11.55 21.33 3.25
N ARG A 227 -11.75 20.01 3.47
CA ARG A 227 -11.41 19.41 4.75
C ARG A 227 -10.16 18.49 4.70
N VAL A 228 -9.96 17.77 3.58
CA VAL A 228 -8.86 16.83 3.43
C VAL A 228 -7.70 17.59 2.82
N LYS A 229 -6.55 17.58 3.49
CA LYS A 229 -5.42 18.41 3.08
C LYS A 229 -4.19 17.57 2.76
N ASN A 230 -4.35 16.22 2.76
CA ASN A 230 -3.26 15.31 2.50
C ASN A 230 -3.74 14.09 1.65
N TRP A 231 -3.13 13.87 0.49
CA TRP A 231 -3.58 12.94 -0.41
C TRP A 231 -2.49 12.02 -0.92
N PHE A 232 -2.85 10.77 -1.27
CA PHE A 232 -1.98 9.87 -1.96
C PHE A 232 -2.77 9.48 -3.21
N THR A 233 -2.18 9.67 -4.38
CA THR A 233 -2.84 9.34 -5.58
C THR A 233 -3.05 7.84 -5.74
N PHE A 234 -2.02 7.08 -5.48
CA PHE A 234 -1.99 5.66 -5.78
C PHE A 234 -1.34 4.91 -4.65
N ASN A 235 -1.82 3.69 -4.39
CA ASN A 235 -1.25 2.82 -3.37
C ASN A 235 -0.51 1.66 -3.99
N GLU A 236 0.73 1.47 -3.56
CA GLU A 236 1.59 0.32 -4.02
C GLU A 236 1.55 -0.03 -5.51
N PRO A 237 1.90 0.90 -6.39
CA PRO A 237 1.83 0.55 -7.84
C PRO A 237 2.64 -0.70 -8.18
N HIS A 238 3.81 -0.87 -7.57
CA HIS A 238 4.62 -2.06 -7.84
C HIS A 238 3.85 -3.37 -7.47
N THR A 239 3.30 -3.43 -6.24
CA THR A 239 2.55 -4.63 -5.84
C THR A 239 1.40 -4.92 -6.83
N TYR A 240 0.66 -3.88 -7.16
CA TYR A 240 -0.43 -3.94 -8.07
C TYR A 240 0.00 -4.48 -9.45
N CYS A 241 1.05 -3.88 -10.04
CA CYS A 241 1.47 -4.29 -11.36
C CYS A 241 1.98 -5.71 -11.35
N CYS A 242 2.78 -6.07 -10.33
CA CYS A 242 3.29 -7.42 -10.31
C CYS A 242 2.17 -8.51 -10.17
N PHE A 243 1.25 -8.27 -9.23
CA PHE A 243 0.27 -9.29 -8.85
C PHE A 243 -0.97 -9.27 -9.78
N SER A 244 -1.32 -8.11 -10.32
CA SER A 244 -2.51 -8.01 -11.08
C SER A 244 -2.24 -8.38 -12.54
N TYR A 245 -1.05 -8.10 -13.07
CA TYR A 245 -0.72 -8.26 -14.49
C TYR A 245 0.42 -9.12 -14.69
N GLY A 246 1.12 -9.51 -13.62
CA GLY A 246 2.26 -10.39 -13.76
C GLY A 246 1.97 -11.80 -13.36
N GLU A 247 1.75 -12.06 -12.08
CA GLU A 247 1.42 -13.40 -11.62
C GLU A 247 -0.05 -13.54 -11.81
N GLY A 248 -0.79 -12.43 -11.78
CA GLY A 248 -2.21 -12.47 -12.04
C GLY A 248 -3.05 -12.96 -10.84
N ILE A 249 -2.46 -12.99 -9.61
CA ILE A 249 -3.19 -13.40 -8.46
C ILE A 249 -4.15 -12.34 -7.92
N HIS A 250 -4.10 -11.12 -8.49
CA HIS A 250 -4.97 -10.05 -8.03
C HIS A 250 -5.76 -9.41 -9.21
N ALA A 251 -6.95 -8.88 -8.91
CA ALA A 251 -7.84 -8.34 -9.93
C ALA A 251 -7.05 -7.34 -10.82
N PRO A 252 -7.25 -7.38 -12.15
CA PRO A 252 -8.18 -8.27 -12.88
C PRO A 252 -7.69 -9.64 -13.16
N GLY A 253 -6.60 -10.07 -12.57
CA GLY A 253 -6.22 -11.44 -12.66
C GLY A 253 -5.55 -11.89 -13.98
N ARG A 254 -4.80 -11.00 -14.65
CA ARG A 254 -4.16 -11.33 -15.91
C ARG A 254 -2.70 -11.82 -15.82
N CYS A 255 -2.34 -12.73 -16.75
CA CYS A 255 -1.00 -13.24 -16.83
C CYS A 255 -0.72 -13.83 -18.21
N SER A 256 0.53 -14.19 -18.50
CA SER A 256 0.85 -14.75 -19.80
C SER A 256 0.16 -16.15 -20.02
N PRO A 257 -0.21 -16.46 -21.26
CA PRO A 257 -0.72 -17.82 -21.61
C PRO A 257 0.18 -18.88 -21.11
N GLY A 258 -0.38 -19.90 -20.49
CA GLY A 258 0.43 -21.00 -19.98
C GLY A 258 0.79 -20.81 -18.51
N LEU A 259 0.63 -19.57 -17.97
CA LEU A 259 0.82 -19.41 -16.52
C LEU A 259 -0.55 -19.70 -15.82
N ASP A 260 -0.53 -19.97 -14.53
CA ASP A 260 -1.75 -20.24 -13.89
C ASP A 260 -2.39 -19.00 -13.15
N CYS A 261 -3.39 -18.39 -13.72
CA CYS A 261 -4.03 -17.27 -13.08
C CYS A 261 -5.43 -17.26 -13.68
N ALA A 262 -6.36 -16.55 -13.07
CA ALA A 262 -7.72 -16.54 -13.55
C ALA A 262 -7.80 -16.36 -15.05
N VAL A 263 -7.16 -15.32 -15.58
CA VAL A 263 -7.27 -14.99 -16.97
C VAL A 263 -5.90 -14.91 -17.73
N PRO A 264 -5.37 -16.09 -18.10
CA PRO A 264 -4.07 -16.22 -18.77
C PRO A 264 -4.15 -15.86 -20.21
N GLU A 265 -4.59 -14.63 -20.47
CA GLU A 265 -4.65 -14.14 -21.80
C GLU A 265 -3.84 -12.85 -21.95
N GLY A 266 -2.98 -12.53 -20.94
CA GLY A 266 -2.27 -11.25 -20.96
C GLY A 266 -0.83 -11.44 -21.43
N ASP A 267 0.06 -10.64 -20.84
CA ASP A 267 1.53 -10.75 -21.11
C ASP A 267 2.29 -10.30 -19.86
N SER A 268 2.77 -11.26 -19.11
CA SER A 268 3.41 -11.02 -17.86
C SER A 268 4.69 -10.19 -18.04
N LEU A 269 5.17 -10.06 -19.28
CA LEU A 269 6.39 -9.28 -19.54
C LEU A 269 6.09 -7.89 -20.03
N ARG A 270 4.82 -7.57 -20.25
CA ARG A 270 4.48 -6.23 -20.80
C ARG A 270 3.36 -5.53 -20.15
N GLU A 271 2.30 -6.27 -19.78
CA GLU A 271 1.17 -5.63 -19.11
C GLU A 271 1.51 -4.93 -17.84
N PRO A 272 2.37 -5.54 -17.01
CA PRO A 272 2.72 -4.83 -15.73
C PRO A 272 3.32 -3.43 -16.04
N TYR A 273 4.17 -3.34 -17.10
CA TYR A 273 4.78 -2.04 -17.42
C TYR A 273 3.79 -1.08 -18.01
N THR A 274 2.92 -1.61 -18.87
CA THR A 274 1.94 -0.74 -19.51
C THR A 274 1.07 -0.11 -18.42
N ALA A 275 0.59 -0.91 -17.48
CA ALA A 275 -0.29 -0.43 -16.44
C ALA A 275 0.49 0.54 -15.54
N GLY A 276 1.76 0.18 -15.21
CA GLY A 276 2.59 1.05 -14.38
C GLY A 276 2.74 2.43 -15.04
N HIS A 277 2.91 2.38 -16.36
CA HIS A 277 3.15 3.60 -17.10
C HIS A 277 1.96 4.43 -17.02
N HIS A 278 0.80 3.81 -17.21
CA HIS A 278 -0.47 4.63 -17.13
C HIS A 278 -0.74 5.25 -15.69
N ILE A 279 -0.34 4.54 -14.64
CA ILE A 279 -0.49 5.04 -13.32
C ILE A 279 0.31 6.27 -13.09
N LEU A 280 1.56 6.28 -13.58
CA LEU A 280 2.45 7.43 -13.42
C LEU A 280 1.94 8.62 -14.24
N LEU A 281 1.43 8.38 -15.46
CA LEU A 281 0.86 9.49 -16.25
C LEU A 281 -0.35 10.07 -15.57
N ALA A 282 -1.19 9.16 -15.05
CA ALA A 282 -2.40 9.57 -14.28
C ALA A 282 -2.03 10.43 -13.07
N HIS A 283 -1.03 9.95 -12.34
CA HIS A 283 -0.52 10.66 -11.19
C HIS A 283 -0.11 12.05 -11.58
N ALA A 284 0.70 12.15 -12.65
CA ALA A 284 1.26 13.44 -13.07
C ALA A 284 0.11 14.40 -13.41
N GLU A 285 -0.89 13.88 -14.13
CA GLU A 285 -1.99 14.74 -14.51
C GLU A 285 -2.76 15.23 -13.29
N ALA A 286 -3.00 14.33 -12.36
CA ALA A 286 -3.78 14.68 -11.20
C ALA A 286 -3.03 15.70 -10.34
N VAL A 287 -1.72 15.49 -10.13
CA VAL A 287 -0.97 16.39 -9.32
C VAL A 287 -0.89 17.78 -10.00
N GLU A 288 -0.76 17.78 -11.32
CA GLU A 288 -0.71 19.06 -12.03
C GLU A 288 -2.06 19.78 -11.82
N LEU A 289 -3.17 19.05 -12.02
CA LEU A 289 -4.51 19.60 -11.80
C LEU A 289 -4.72 20.16 -10.38
N PHE A 290 -4.19 19.41 -9.42
CA PHE A 290 -4.30 19.77 -8.04
C PHE A 290 -3.59 21.03 -7.70
N LYS A 291 -2.30 21.04 -7.99
CA LYS A 291 -1.42 22.19 -7.65
C LYS A 291 -1.88 23.44 -8.34
N ALA A 292 -2.51 23.28 -9.50
CA ALA A 292 -2.94 24.42 -10.26
C ALA A 292 -4.27 25.01 -9.82
N HIS A 293 -5.23 24.15 -9.50
CA HIS A 293 -6.56 24.70 -9.25
C HIS A 293 -7.18 24.23 -7.84
N TYR A 294 -6.39 23.56 -6.95
CA TYR A 294 -7.04 22.98 -5.80
C TYR A 294 -6.20 23.06 -4.61
N ASN A 295 -5.31 24.02 -4.62
CA ASN A 295 -4.48 24.24 -3.47
C ASN A 295 -4.32 25.72 -3.25
N LYS A 296 -5.47 26.39 -3.22
CA LYS A 296 -5.49 27.96 -3.21
C LYS A 296 -4.89 28.51 -1.82
N HIS A 297 -4.90 27.70 -0.73
CA HIS A 297 -4.28 28.17 0.48
C HIS A 297 -2.84 27.69 0.53
N GLY A 298 -2.42 26.81 -0.36
CA GLY A 298 -1.06 26.26 -0.24
C GLY A 298 -0.77 25.34 0.98
N ASP A 299 -1.84 24.94 1.70
CA ASP A 299 -1.68 24.14 2.91
C ASP A 299 -2.02 22.62 2.63
N SER A 300 -2.13 22.23 1.35
CA SER A 300 -2.44 20.86 0.97
C SER A 300 -1.22 20.17 0.40
N LYS A 301 -1.08 18.89 0.67
CA LYS A 301 0.05 18.08 0.20
C LYS A 301 -0.49 16.83 -0.48
N ILE A 302 0.22 16.40 -1.53
CA ILE A 302 -0.25 15.31 -2.40
C ILE A 302 0.99 14.47 -2.72
N GLY A 303 0.86 13.12 -2.64
CA GLY A 303 1.94 12.23 -2.97
C GLY A 303 1.44 10.85 -3.38
N MET A 304 2.32 9.87 -3.27
CA MET A 304 1.95 8.51 -3.48
C MET A 304 2.54 7.54 -2.50
N ALA A 305 1.92 6.37 -2.34
CA ALA A 305 2.45 5.40 -1.38
C ALA A 305 3.05 4.25 -2.07
N PHE A 306 4.29 3.88 -1.72
CA PHE A 306 5.04 2.84 -2.39
C PHE A 306 5.17 1.60 -1.50
N ASP A 307 5.01 0.42 -2.10
CA ASP A 307 5.26 -0.77 -1.39
C ASP A 307 6.81 -0.92 -1.45
N VAL A 308 7.45 -1.22 -0.31
CA VAL A 308 8.86 -1.39 -0.35
C VAL A 308 9.30 -2.53 0.54
N MET A 309 10.22 -3.33 0.05
CA MET A 309 10.87 -4.32 0.89
C MET A 309 12.33 -3.91 1.09
N GLY A 310 12.91 -4.22 2.27
CA GLY A 310 14.31 -4.00 2.50
C GLY A 310 15.04 -5.11 1.72
N TYR A 311 16.30 -4.87 1.35
CA TYR A 311 17.15 -5.92 0.76
C TYR A 311 18.54 -5.92 1.33
N GLU A 312 19.10 -7.11 1.45
CA GLU A 312 20.43 -7.33 1.94
C GLU A 312 21.06 -8.23 0.89
N PRO A 313 22.36 -8.09 0.65
CA PRO A 313 22.96 -8.97 -0.40
C PRO A 313 22.94 -10.45 0.11
N TYR A 314 22.58 -11.39 -0.76
CA TYR A 314 22.43 -12.75 -0.35
C TYR A 314 23.74 -13.25 0.27
N GLN A 315 24.84 -12.96 -0.39
CA GLN A 315 26.11 -13.39 0.06
C GLN A 315 27.07 -12.20 -0.07
N ASP A 316 28.16 -12.18 0.66
CA ASP A 316 29.13 -11.11 0.55
C ASP A 316 29.92 -11.18 -0.77
N SER A 317 29.51 -10.39 -1.74
CA SER A 317 30.17 -10.36 -3.05
C SER A 317 29.70 -9.15 -3.78
N PHE A 318 30.57 -8.58 -4.64
CA PHE A 318 30.19 -7.30 -5.30
C PHE A 318 28.99 -7.61 -6.22
N LEU A 319 28.86 -8.89 -6.63
CA LEU A 319 27.70 -9.27 -7.52
C LEU A 319 26.37 -9.14 -6.78
N ASP A 320 26.32 -9.59 -5.55
CA ASP A 320 25.03 -9.39 -4.77
C ASP A 320 24.84 -7.97 -4.32
N ASP A 321 25.94 -7.24 -4.19
CA ASP A 321 25.79 -5.78 -3.93
C ASP A 321 25.07 -5.12 -5.14
N GLN A 322 25.42 -5.58 -6.34
CA GLN A 322 24.82 -4.99 -7.56
C GLN A 322 23.38 -5.50 -7.64
N ALA A 323 23.20 -6.77 -7.27
CA ALA A 323 21.83 -7.33 -7.23
C ALA A 323 20.94 -6.57 -6.28
N ARG A 324 21.43 -6.26 -5.08
CA ARG A 324 20.61 -5.53 -4.13
C ARG A 324 20.14 -4.17 -4.75
N GLU A 325 21.07 -3.47 -5.41
CA GLU A 325 20.70 -2.24 -6.05
C GLU A 325 19.60 -2.44 -7.16
N ARG A 326 19.63 -3.56 -7.88
CA ARG A 326 18.66 -3.78 -8.89
C ARG A 326 17.30 -4.10 -8.21
N SER A 327 17.34 -4.84 -7.08
CA SER A 327 16.09 -5.16 -6.33
C SER A 327 15.42 -3.91 -5.86
N ILE A 328 16.20 -3.02 -5.27
CA ILE A 328 15.60 -1.77 -4.74
C ILE A 328 15.09 -0.90 -5.89
N ASP A 329 15.84 -0.86 -6.98
CA ASP A 329 15.35 -0.15 -8.16
C ASP A 329 14.01 -0.70 -8.61
N TYR A 330 13.93 -2.02 -8.74
CA TYR A 330 12.76 -2.62 -9.30
C TYR A 330 11.56 -2.52 -8.29
N ASN A 331 11.80 -2.82 -7.00
CA ASN A 331 10.76 -2.74 -5.98
C ASN A 331 10.34 -1.30 -5.69
N MET A 332 11.31 -0.44 -5.42
CA MET A 332 11.00 0.92 -5.05
C MET A 332 11.17 1.92 -6.19
N GLY A 333 12.29 1.87 -6.86
CA GLY A 333 12.62 2.92 -7.84
C GLY A 333 11.73 2.93 -9.08
N TRP A 334 11.15 1.78 -9.39
CA TRP A 334 10.19 1.66 -10.49
C TRP A 334 9.17 2.85 -10.50
N PHE A 335 8.62 3.19 -9.35
CA PHE A 335 7.70 4.26 -9.32
C PHE A 335 8.19 5.51 -8.57
N LEU A 336 9.17 5.34 -7.67
CA LEU A 336 9.66 6.47 -6.96
C LEU A 336 10.62 7.34 -7.88
N GLU A 337 11.53 6.69 -8.65
CA GLU A 337 12.45 7.47 -9.43
C GLU A 337 11.70 8.35 -10.46
N PRO A 338 10.56 7.87 -10.99
CA PRO A 338 9.87 8.75 -11.91
C PRO A 338 9.31 10.02 -11.20
N VAL A 339 8.81 9.89 -9.97
CA VAL A 339 8.24 11.08 -9.31
C VAL A 339 9.39 11.98 -8.82
N VAL A 340 10.57 11.45 -8.86
CA VAL A 340 11.70 12.22 -8.41
C VAL A 340 12.40 12.91 -9.57
N ARG A 341 12.81 12.18 -10.60
CA ARG A 341 13.58 12.74 -11.70
C ARG A 341 12.82 12.69 -13.02
N GLY A 342 11.62 12.13 -12.99
CA GLY A 342 10.84 12.03 -14.23
C GLY A 342 11.23 10.93 -15.18
N ASP A 343 11.82 9.85 -14.68
CA ASP A 343 12.13 8.71 -15.54
C ASP A 343 12.35 7.46 -14.68
N TYR A 344 12.18 6.27 -15.26
CA TYR A 344 12.43 5.04 -14.59
C TYR A 344 13.91 4.91 -14.29
N PRO A 345 14.30 4.06 -13.30
CA PRO A 345 15.70 3.83 -12.99
C PRO A 345 16.42 3.33 -14.22
N PHE A 346 17.69 3.73 -14.37
CA PHE A 346 18.49 3.27 -15.48
C PHE A 346 18.49 1.74 -15.57
N SER A 347 18.72 1.07 -14.46
CA SER A 347 18.77 -0.42 -14.51
C SER A 347 17.55 -1.00 -15.23
N MET A 348 16.37 -0.49 -14.95
CA MET A 348 15.17 -1.04 -15.53
C MET A 348 15.13 -0.79 -17.04
N ARG A 349 15.43 0.43 -17.43
CA ARG A 349 15.49 0.74 -18.88
C ARG A 349 16.51 -0.13 -19.62
N SER A 350 17.61 -0.45 -18.98
CA SER A 350 18.60 -1.19 -19.66
C SER A 350 18.23 -2.62 -19.80
N LEU A 351 17.39 -3.11 -18.85
CA LEU A 351 17.08 -4.53 -18.89
C LEU A 351 15.75 -4.81 -19.61
N ILE A 352 14.88 -3.81 -19.66
CA ILE A 352 13.52 -4.02 -20.10
C ILE A 352 13.33 -3.43 -21.50
N GLY A 353 14.17 -2.46 -21.84
CA GLY A 353 14.14 -1.85 -23.14
C GLY A 353 12.78 -1.43 -23.64
N ASP A 354 12.42 -1.96 -24.83
CA ASP A 354 11.14 -1.69 -25.50
C ASP A 354 9.89 -2.07 -24.74
N ARG A 355 10.00 -2.98 -23.78
CA ARG A 355 8.77 -3.31 -22.97
C ARG A 355 8.46 -2.18 -21.95
N LEU A 356 9.37 -1.24 -21.77
CA LEU A 356 9.15 -0.20 -20.79
C LEU A 356 8.93 1.16 -21.55
N PRO A 357 7.69 1.64 -21.60
CA PRO A 357 7.32 2.85 -22.34
C PRO A 357 8.23 4.02 -22.04
N MET A 358 8.44 4.85 -23.07
CA MET A 358 9.22 6.04 -22.97
C MET A 358 8.35 7.24 -22.52
N PHE A 359 8.86 8.18 -21.72
CA PHE A 359 8.11 9.41 -21.37
C PHE A 359 8.41 10.52 -22.38
N THR A 360 7.47 11.42 -22.60
CA THR A 360 7.73 12.56 -23.42
C THR A 360 8.41 13.58 -22.56
N LYS A 361 9.03 14.59 -23.17
CA LYS A 361 9.67 15.67 -22.42
C LYS A 361 8.76 16.29 -21.43
N GLU A 362 7.54 16.51 -21.84
CA GLU A 362 6.66 17.23 -20.96
C GLU A 362 6.21 16.31 -19.81
N GLU A 363 6.05 15.01 -20.11
CA GLU A 363 5.70 14.04 -19.09
C GLU A 363 6.82 13.96 -18.03
N GLN A 364 8.09 13.98 -18.47
CA GLN A 364 9.25 14.01 -17.54
C GLN A 364 9.19 15.13 -16.57
N GLU A 365 8.96 16.30 -17.13
CA GLU A 365 8.90 17.50 -16.36
C GLU A 365 7.67 17.55 -15.37
N LYS A 366 6.55 17.02 -15.84
CA LYS A 366 5.37 16.97 -15.02
C LYS A 366 5.57 15.93 -13.83
N LEU A 367 6.23 14.78 -14.10
CA LEU A 367 6.43 13.76 -13.08
C LEU A 367 7.46 14.20 -12.06
N ALA A 368 8.56 14.84 -12.54
CA ALA A 368 9.67 15.19 -11.67
C ALA A 368 9.21 16.15 -10.55
N SER A 369 9.63 15.89 -9.33
CA SER A 369 9.19 16.69 -8.20
C SER A 369 7.61 16.76 -8.07
N SER A 370 6.91 15.71 -8.50
CA SER A 370 5.44 15.69 -8.32
C SER A 370 4.88 15.23 -6.94
N CYS A 371 5.71 14.84 -5.99
CA CYS A 371 5.20 14.51 -4.64
C CYS A 371 5.61 15.51 -3.53
N ASP A 372 4.67 15.95 -2.73
CA ASP A 372 5.00 16.80 -1.63
C ASP A 372 5.41 15.90 -0.47
N ILE A 373 4.81 14.72 -0.42
CA ILE A 373 5.01 13.72 0.65
C ILE A 373 5.06 12.37 0.00
N MET A 374 5.79 11.45 0.60
CA MET A 374 5.88 10.07 0.08
C MET A 374 5.52 9.07 1.18
N GLY A 375 4.69 8.10 0.83
CA GLY A 375 4.36 7.07 1.74
C GLY A 375 5.17 5.83 1.46
N LEU A 376 5.64 5.18 2.54
CA LEU A 376 6.34 3.94 2.41
C LEU A 376 5.55 2.84 3.21
N ASN A 377 5.11 1.78 2.52
CA ASN A 377 4.39 0.67 3.16
C ASN A 377 5.42 -0.43 3.37
N TYR A 378 5.93 -0.54 4.56
CA TYR A 378 7.00 -1.48 4.83
C TYR A 378 6.52 -2.66 5.69
N TYR A 379 6.87 -3.88 5.28
CA TYR A 379 6.53 -5.09 6.06
C TYR A 379 7.70 -5.99 6.37
N THR A 380 8.55 -6.19 5.38
CA THR A 380 9.56 -7.18 5.53
C THR A 380 10.81 -6.86 4.57
N SER A 381 11.77 -7.78 4.52
CA SER A 381 12.94 -7.61 3.69
C SER A 381 13.28 -8.95 3.08
N ARG A 382 14.22 -8.92 2.12
CA ARG A 382 14.70 -10.16 1.51
C ARG A 382 16.19 -10.09 1.23
N PHE A 383 16.74 -11.23 0.91
CA PHE A 383 18.08 -11.27 0.46
C PHE A 383 18.02 -11.12 -1.09
N SER A 384 18.93 -10.33 -1.67
CA SER A 384 18.96 -10.19 -3.13
C SER A 384 20.10 -11.07 -3.69
N LYS A 385 19.80 -12.00 -4.51
CA LYS A 385 20.78 -12.92 -5.07
C LYS A 385 20.93 -12.70 -6.57
N HIS A 386 22.17 -12.44 -7.02
CA HIS A 386 22.47 -12.07 -8.38
C HIS A 386 22.15 -13.18 -9.36
N VAL A 387 21.52 -12.80 -10.48
CA VAL A 387 21.27 -13.73 -11.60
C VAL A 387 22.02 -13.27 -12.81
N ASP A 388 22.81 -14.12 -13.45
CA ASP A 388 23.54 -13.73 -14.66
C ASP A 388 22.65 -13.59 -15.87
N ILE A 389 23.04 -12.71 -16.78
CA ILE A 389 22.41 -12.60 -18.04
C ILE A 389 23.09 -13.71 -18.87
N SER A 390 22.32 -14.58 -19.51
CA SER A 390 22.93 -15.64 -20.36
C SER A 390 21.98 -16.18 -21.39
N SER A 391 22.47 -17.03 -22.28
CA SER A 391 21.64 -17.70 -23.31
C SER A 391 20.70 -18.65 -22.68
N ASP A 392 21.07 -19.22 -21.56
CA ASP A 392 20.26 -20.21 -20.83
C ASP A 392 18.96 -19.62 -20.26
N TYR A 393 18.95 -18.32 -20.00
CA TYR A 393 17.89 -17.80 -19.14
C TYR A 393 17.08 -16.76 -19.95
N THR A 394 15.76 -16.84 -19.82
CA THR A 394 14.89 -15.79 -20.32
C THR A 394 13.83 -15.43 -19.30
N PRO A 395 13.59 -14.17 -19.07
CA PRO A 395 12.51 -13.73 -18.16
C PRO A 395 11.13 -14.25 -18.58
N THR A 396 10.30 -14.62 -17.60
CA THR A 396 8.90 -15.02 -17.91
C THR A 396 7.94 -14.16 -17.13
N LEU A 397 8.34 -13.69 -15.97
CA LEU A 397 7.50 -12.74 -15.19
C LEU A 397 8.19 -11.45 -15.16
N ASN A 398 7.44 -10.35 -15.09
CA ASN A 398 8.04 -9.02 -15.06
C ASN A 398 9.16 -8.90 -13.99
N THR A 399 8.94 -9.49 -12.81
CA THR A 399 9.93 -9.40 -11.73
C THR A 399 11.25 -10.13 -12.06
N ASP A 400 11.24 -11.00 -13.07
CA ASP A 400 12.52 -11.57 -13.56
C ASP A 400 13.45 -10.49 -14.20
N ASP A 401 12.89 -9.39 -14.70
CA ASP A 401 13.67 -8.40 -15.36
C ASP A 401 14.72 -7.72 -14.41
N ALA A 402 14.71 -8.05 -13.12
CA ALA A 402 15.68 -7.43 -12.21
C ALA A 402 16.93 -8.22 -12.14
N TYR A 403 16.88 -9.43 -12.62
CA TYR A 403 18.03 -10.28 -12.53
C TYR A 403 18.61 -10.35 -11.12
N ALA A 404 17.70 -10.48 -10.15
CA ALA A 404 18.02 -10.59 -8.74
C ALA A 404 16.85 -11.29 -8.11
N SER A 405 17.10 -12.48 -7.56
CA SER A 405 15.97 -13.22 -6.96
C SER A 405 15.88 -12.87 -5.45
N SER A 406 14.65 -12.64 -4.96
CA SER A 406 14.40 -12.37 -3.56
C SER A 406 14.42 -13.69 -2.75
N GLU A 407 15.39 -13.87 -1.85
CA GLU A 407 15.47 -15.05 -1.09
C GLU A 407 15.01 -14.79 0.37
N THR A 408 14.40 -15.78 1.02
CA THR A 408 14.02 -15.63 2.39
C THR A 408 15.17 -16.14 3.25
N THR A 409 16.09 -16.92 2.66
CA THR A 409 17.24 -17.37 3.45
C THR A 409 18.58 -16.88 2.78
N GLY A 410 19.55 -16.48 3.60
CA GLY A 410 20.77 -15.97 3.08
C GLY A 410 21.82 -17.04 2.92
N SER A 411 23.04 -16.64 2.55
CA SER A 411 24.13 -17.53 2.19
C SER A 411 24.57 -18.45 3.31
N ASP A 412 24.40 -18.01 4.56
CA ASP A 412 24.76 -18.83 5.73
C ASP A 412 23.64 -19.88 6.06
N GLY A 413 22.58 -19.94 5.26
CA GLY A 413 21.51 -20.86 5.53
C GLY A 413 20.41 -20.33 6.42
N ASN A 414 20.61 -19.16 7.07
CA ASN A 414 19.58 -18.59 7.99
C ASN A 414 18.49 -17.77 7.32
N GLU A 415 17.29 -17.90 7.78
CA GLU A 415 16.28 -16.94 7.34
C GLU A 415 16.59 -15.44 7.73
N ILE A 416 16.07 -14.48 6.99
CA ILE A 416 16.45 -13.12 7.22
C ILE A 416 16.00 -12.67 8.61
N GLY A 417 14.85 -13.16 9.08
CA GLY A 417 14.34 -12.78 10.38
C GLY A 417 13.21 -13.76 10.79
N PRO A 418 12.63 -13.59 11.95
CA PRO A 418 11.61 -14.50 12.46
C PRO A 418 10.33 -14.38 11.65
N ILE A 419 9.62 -15.49 11.45
CA ILE A 419 8.27 -15.41 10.83
C ILE A 419 7.24 -14.83 11.80
N THR A 420 6.26 -14.12 11.28
CA THR A 420 5.35 -13.37 12.13
C THR A 420 3.94 -13.86 12.03
N GLY A 421 3.68 -14.84 11.14
CA GLY A 421 2.33 -15.39 10.96
C GLY A 421 2.08 -15.80 9.55
N THR A 422 1.76 -14.85 8.66
CA THR A 422 1.55 -15.15 7.27
C THR A 422 2.94 -15.41 6.70
N TYR A 423 3.02 -16.28 5.69
CA TYR A 423 4.29 -16.83 5.18
C TYR A 423 5.27 -15.80 4.56
N TRP A 424 4.83 -14.59 4.17
CA TRP A 424 5.72 -13.71 3.52
C TRP A 424 6.28 -12.60 4.43
N ILE A 425 5.83 -12.50 5.67
CA ILE A 425 6.27 -11.42 6.53
C ILE A 425 7.28 -11.87 7.56
N TYR A 426 8.57 -11.74 7.22
CA TYR A 426 9.65 -12.06 8.14
C TYR A 426 10.10 -10.73 8.80
N MET A 427 10.32 -10.73 10.12
CA MET A 427 10.58 -9.52 10.84
C MET A 427 12.04 -9.08 10.64
N TYR A 428 12.23 -7.90 10.03
CA TYR A 428 13.55 -7.36 9.80
C TYR A 428 13.53 -5.83 9.85
N PRO A 429 13.43 -5.25 11.07
CA PRO A 429 13.27 -3.79 11.18
C PRO A 429 14.47 -3.01 10.63
N LYS A 430 15.66 -3.59 10.64
CA LYS A 430 16.83 -2.89 10.11
C LYS A 430 16.60 -2.48 8.65
N GLY A 431 15.89 -3.33 7.89
CA GLY A 431 15.55 -3.02 6.54
C GLY A 431 14.83 -1.74 6.32
N LEU A 432 13.99 -1.38 7.24
CA LEU A 432 13.23 -0.13 7.11
C LEU A 432 14.20 1.01 7.29
N THR A 433 15.02 0.92 8.34
CA THR A 433 15.95 1.99 8.64
C THR A 433 16.87 2.23 7.39
N ASP A 434 17.38 1.17 6.79
CA ASP A 434 18.22 1.30 5.66
C ASP A 434 17.49 2.03 4.53
N LEU A 435 16.23 1.66 4.27
CA LEU A 435 15.48 2.26 3.19
C LEU A 435 15.29 3.76 3.47
N LEU A 436 14.94 4.11 4.68
CA LEU A 436 14.75 5.52 5.02
C LEU A 436 16.08 6.30 4.80
N LEU A 437 17.23 5.70 5.07
CA LEU A 437 18.50 6.34 4.88
C LEU A 437 18.83 6.48 3.37
N ILE A 438 18.42 5.50 2.55
CA ILE A 438 18.51 5.69 1.09
C ILE A 438 17.66 6.91 0.68
N MET A 439 16.48 7.09 1.25
CA MET A 439 15.67 8.18 0.92
C MET A 439 16.35 9.51 1.24
N LYS A 440 17.01 9.52 2.41
CA LYS A 440 17.65 10.72 2.85
C LYS A 440 18.83 11.07 1.94
N GLU A 441 19.71 10.11 1.75
CA GLU A 441 20.97 10.31 1.08
C GLU A 441 20.94 10.36 -0.42
N LYS A 442 20.02 9.62 -1.01
CA LYS A 442 20.02 9.50 -2.44
C LYS A 442 18.95 10.35 -3.09
N TYR A 443 17.78 10.44 -2.48
CA TYR A 443 16.63 11.10 -3.09
C TYR A 443 16.23 12.43 -2.50
N GLY A 444 17.12 13.08 -1.79
CA GLY A 444 16.82 14.41 -1.29
C GLY A 444 16.14 14.53 0.00
N ASN A 445 15.94 13.39 0.66
CA ASN A 445 15.37 13.38 2.00
C ASN A 445 14.01 14.08 2.06
N PRO A 446 13.14 13.73 1.14
CA PRO A 446 11.77 14.27 1.10
C PRO A 446 10.89 13.78 2.29
N PRO A 447 9.81 14.48 2.57
CA PRO A 447 9.00 14.09 3.77
C PRO A 447 8.44 12.62 3.57
N ILE A 448 8.75 11.74 4.52
CA ILE A 448 8.37 10.36 4.44
C ILE A 448 7.37 10.02 5.57
N PHE A 449 6.28 9.37 5.17
CA PHE A 449 5.29 8.78 6.13
C PHE A 449 5.33 7.26 5.98
N ILE A 450 5.44 6.50 7.07
CA ILE A 450 5.31 5.05 6.96
C ILE A 450 3.80 4.88 6.92
N THR A 451 3.25 4.76 5.72
CA THR A 451 1.83 4.74 5.56
C THR A 451 1.19 3.31 5.76
N GLU A 452 2.02 2.27 5.92
CA GLU A 452 1.61 0.92 6.24
C GLU A 452 2.76 0.20 6.86
N ASN A 453 2.46 -0.61 7.87
CA ASN A 453 3.48 -1.40 8.57
C ASN A 453 2.72 -2.21 9.59
N GLY A 454 3.03 -3.50 9.71
CA GLY A 454 2.29 -4.37 10.56
C GLY A 454 2.46 -5.83 10.20
N ILE A 455 1.70 -6.70 10.85
CA ILE A 455 1.77 -8.16 10.56
C ILE A 455 0.38 -8.75 10.59
N ALA A 456 0.31 -10.01 10.20
CA ALA A 456 -0.91 -10.76 10.20
C ALA A 456 -0.91 -11.87 11.23
N ASP A 457 -2.07 -12.11 11.85
CA ASP A 457 -2.24 -13.35 12.65
C ASP A 457 -3.06 -14.20 11.67
N VAL A 458 -2.61 -15.41 11.43
CA VAL A 458 -3.29 -16.30 10.53
C VAL A 458 -4.33 -17.15 11.27
N GLU A 459 -5.55 -17.13 10.75
CA GLU A 459 -6.67 -17.97 11.30
C GLU A 459 -6.28 -19.44 11.41
N GLY A 460 -6.54 -20.04 12.57
CA GLY A 460 -6.14 -21.43 12.75
C GLY A 460 -4.70 -21.69 13.21
N ASP A 461 -3.82 -20.69 13.19
CA ASP A 461 -2.46 -20.89 13.71
C ASP A 461 -2.67 -21.27 15.19
N PRO A 462 -2.21 -22.48 15.58
CA PRO A 462 -2.26 -22.94 17.01
C PRO A 462 -1.39 -22.05 17.96
N GLU A 463 -0.42 -21.31 17.44
CA GLU A 463 0.36 -20.43 18.33
C GLU A 463 -0.28 -19.08 18.56
N MET A 464 -1.44 -18.82 17.91
CA MET A 464 -2.21 -17.60 18.10
C MET A 464 -3.66 -18.01 18.30
N PRO A 465 -3.94 -18.71 19.40
CA PRO A 465 -5.34 -19.17 19.74
C PRO A 465 -6.26 -18.04 20.19
N ASP A 466 -5.76 -17.01 20.85
CA ASP A 466 -6.65 -15.88 21.25
C ASP A 466 -6.34 -14.66 20.37
N PRO A 467 -7.23 -14.32 19.46
CA PRO A 467 -7.01 -13.26 18.45
C PRO A 467 -6.80 -11.92 19.09
N LEU A 468 -7.13 -11.74 20.36
CA LEU A 468 -6.90 -10.43 21.03
C LEU A 468 -5.48 -10.35 21.68
N ASP A 469 -4.87 -11.52 21.94
CA ASP A 469 -3.61 -11.52 22.59
C ASP A 469 -2.47 -11.41 21.55
N ASP A 470 -2.37 -10.25 20.87
CA ASP A 470 -1.43 -10.13 19.75
C ASP A 470 -0.14 -9.55 20.24
N TRP A 471 0.50 -10.22 21.19
CA TRP A 471 1.73 -9.68 21.72
C TRP A 471 2.82 -9.64 20.60
N LYS A 472 2.77 -10.61 19.72
CA LYS A 472 3.70 -10.68 18.62
C LYS A 472 3.58 -9.45 17.69
N ARG A 473 2.37 -9.11 17.29
CA ARG A 473 2.19 -7.89 16.52
C ARG A 473 2.74 -6.70 17.29
N LEU A 474 2.46 -6.62 18.61
CA LEU A 474 2.87 -5.47 19.42
C LEU A 474 4.39 -5.36 19.45
N ASP A 475 5.05 -6.50 19.63
CA ASP A 475 6.52 -6.46 19.68
C ASP A 475 7.06 -5.96 18.30
N TYR A 476 6.47 -6.49 17.22
CA TYR A 476 6.86 -6.10 15.87
C TYR A 476 6.64 -4.63 15.71
N LEU A 477 5.45 -4.14 16.00
CA LEU A 477 5.21 -2.70 15.76
C LEU A 477 6.21 -1.83 16.61
N GLN A 478 6.47 -2.25 17.84
CA GLN A 478 7.35 -1.52 18.73
C GLN A 478 8.74 -1.50 18.13
N ARG A 479 9.15 -2.63 17.59
CA ARG A 479 10.48 -2.70 16.99
C ARG A 479 10.61 -1.78 15.77
N HIS A 480 9.52 -1.61 15.01
CA HIS A 480 9.65 -0.82 13.83
C HIS A 480 9.52 0.65 14.18
N ILE A 481 8.69 0.96 15.18
CA ILE A 481 8.50 2.37 15.64
C ILE A 481 9.94 2.78 16.05
N SER A 482 10.67 1.84 16.67
CA SER A 482 12.00 2.11 17.18
C SER A 482 12.98 2.25 16.02
N ALA A 483 12.76 1.49 14.97
CA ALA A 483 13.64 1.56 13.80
C ALA A 483 13.41 2.94 13.14
N VAL A 484 12.19 3.49 13.17
CA VAL A 484 11.93 4.77 12.59
C VAL A 484 12.66 5.85 13.43
N LYS A 485 12.70 5.67 14.76
CA LYS A 485 13.42 6.57 15.63
C LYS A 485 14.93 6.56 15.25
N ASP A 486 15.52 5.38 15.04
CA ASP A 486 16.86 5.29 14.62
C ASP A 486 17.10 6.13 13.36
N ALA A 487 16.18 6.10 12.42
CA ALA A 487 16.33 6.82 11.18
C ALA A 487 16.28 8.28 11.44
N ILE A 488 15.27 8.69 12.22
CA ILE A 488 15.13 10.11 12.55
C ILE A 488 16.47 10.58 13.22
N ASP A 489 16.96 9.80 14.18
CA ASP A 489 18.17 10.21 14.88
C ASP A 489 19.34 10.40 13.89
N GLN A 490 19.28 9.73 12.76
CA GLN A 490 20.35 9.87 11.80
C GLN A 490 20.00 10.87 10.72
N GLY A 491 18.99 11.70 10.91
CA GLY A 491 18.67 12.72 9.93
C GLY A 491 17.55 12.41 8.93
N ALA A 492 17.08 11.14 8.83
CA ALA A 492 15.91 10.82 7.94
C ALA A 492 14.69 11.72 8.30
N ASP A 493 14.03 12.26 7.30
CA ASP A 493 12.92 13.14 7.52
C ASP A 493 11.57 12.36 7.55
N VAL A 494 11.34 11.60 8.61
CA VAL A 494 10.12 10.76 8.72
C VAL A 494 9.14 11.50 9.56
N ARG A 495 8.01 11.85 9.00
CA ARG A 495 6.96 12.63 9.65
C ARG A 495 5.84 11.85 10.32
N GLY A 496 5.80 10.54 10.15
CA GLY A 496 4.64 9.80 10.73
C GLY A 496 4.69 8.30 10.56
N HIS A 497 3.83 7.59 11.32
CA HIS A 497 3.81 6.08 11.30
C HIS A 497 2.41 5.59 11.41
N PHE A 498 1.92 4.93 10.35
CA PHE A 498 0.57 4.45 10.27
C PHE A 498 0.54 2.97 10.27
N THR A 499 -0.01 2.34 11.28
CA THR A 499 -0.02 0.87 11.35
C THR A 499 -1.02 0.29 10.35
N TRP A 500 -0.64 -0.72 9.58
CA TRP A 500 -1.58 -1.23 8.69
C TRP A 500 -2.29 -2.33 9.51
N GLY A 501 -3.64 -2.11 9.61
CA GLY A 501 -4.44 -2.83 10.32
C GLY A 501 -5.11 -1.88 11.31
N LEU A 502 -5.92 -0.90 10.92
CA LEU A 502 -6.82 -0.32 11.94
C LEU A 502 -7.70 -1.46 12.51
N ILE A 503 -8.42 -2.12 11.57
CA ILE A 503 -9.26 -3.24 11.88
C ILE A 503 -8.93 -4.42 11.01
N ASP A 504 -9.14 -5.65 11.46
CA ASP A 504 -9.02 -6.80 10.53
C ASP A 504 -9.87 -6.56 9.31
N ASN A 505 -9.40 -7.01 8.15
CA ASN A 505 -10.12 -6.72 6.93
C ASN A 505 -9.86 -7.80 5.89
N PHE A 506 -10.38 -7.54 4.66
CA PHE A 506 -10.22 -8.50 3.58
C PHE A 506 -8.78 -8.42 3.00
N GLU A 507 -7.95 -9.40 3.29
CA GLU A 507 -6.57 -9.40 2.84
C GLU A 507 -6.45 -10.03 1.45
N TRP A 508 -7.04 -9.34 0.48
CA TRP A 508 -7.01 -9.75 -0.92
C TRP A 508 -7.02 -11.27 -1.10
N GLY A 509 -6.01 -11.80 -1.77
CA GLY A 509 -6.04 -13.23 -2.08
C GLY A 509 -6.09 -14.14 -0.85
N SER A 510 -5.84 -13.61 0.39
CA SER A 510 -5.91 -14.46 1.60
C SER A 510 -7.28 -14.29 2.31
N GLY A 511 -8.17 -13.51 1.78
CA GLY A 511 -9.42 -13.30 2.44
C GLY A 511 -9.25 -12.83 3.88
N TYR A 512 -10.15 -13.25 4.75
CA TYR A 512 -10.08 -12.78 6.11
C TYR A 512 -9.17 -13.67 6.92
N SER A 513 -8.67 -14.74 6.34
CA SER A 513 -7.91 -15.66 7.12
C SER A 513 -6.61 -14.97 7.68
N SER A 514 -6.21 -13.85 7.04
CA SER A 514 -5.11 -13.02 7.55
C SER A 514 -5.57 -11.79 8.31
N ARG A 515 -5.37 -11.77 9.62
CA ARG A 515 -5.85 -10.63 10.40
C ARG A 515 -4.70 -9.66 10.69
N PHE A 516 -4.82 -8.47 10.13
CA PHE A 516 -3.79 -7.39 10.26
C PHE A 516 -4.13 -6.29 11.27
N GLY A 517 -5.31 -6.30 11.85
CA GLY A 517 -5.71 -5.17 12.69
C GLY A 517 -5.20 -5.02 14.11
N LEU A 518 -5.19 -3.77 14.56
CA LEU A 518 -4.92 -3.43 15.90
C LEU A 518 -6.24 -3.77 16.66
N VAL A 519 -7.35 -3.58 15.94
CA VAL A 519 -8.67 -3.78 16.45
C VAL A 519 -9.31 -5.03 15.84
N TYR A 520 -9.70 -5.97 16.68
CA TYR A 520 -10.32 -7.16 16.18
C TYR A 520 -11.70 -6.87 15.64
N ILE A 521 -12.09 -7.68 14.69
CA ILE A 521 -13.42 -7.64 14.08
C ILE A 521 -14.08 -8.99 14.26
N ASP A 522 -15.04 -9.08 15.19
CA ASP A 522 -15.65 -10.35 15.53
C ASP A 522 -16.73 -10.74 14.54
N LYS A 523 -16.37 -11.57 13.58
CA LYS A 523 -17.32 -12.03 12.52
C LYS A 523 -18.51 -12.78 13.19
N GLU A 524 -18.25 -13.48 14.28
CA GLU A 524 -19.29 -14.15 15.00
C GLU A 524 -20.13 -13.22 15.88
N ASP A 525 -19.72 -11.96 16.14
CA ASP A 525 -20.45 -11.11 16.95
C ASP A 525 -20.80 -9.85 16.21
N GLY A 526 -21.44 -10.01 15.06
CA GLY A 526 -21.90 -8.86 14.27
C GLY A 526 -20.84 -7.87 13.82
N ASN A 527 -19.60 -8.35 13.61
CA ASN A 527 -18.55 -7.50 13.15
C ASN A 527 -18.19 -6.43 14.16
N LYS A 528 -18.43 -6.72 15.45
CA LYS A 528 -18.14 -5.77 16.49
C LYS A 528 -16.58 -5.46 16.55
N ARG A 529 -16.23 -4.18 16.83
CA ARG A 529 -14.85 -3.78 16.97
C ARG A 529 -14.34 -4.06 18.41
N LYS A 530 -13.27 -4.82 18.58
CA LYS A 530 -12.75 -5.12 19.91
C LYS A 530 -11.27 -4.87 19.95
N LEU A 531 -10.83 -4.04 20.88
CA LEU A 531 -9.39 -3.66 20.96
C LEU A 531 -8.52 -4.85 21.31
N LYS A 532 -7.45 -5.09 20.55
CA LYS A 532 -6.54 -6.17 20.91
C LYS A 532 -5.49 -5.64 21.88
N LYS A 533 -4.61 -6.53 22.34
CA LYS A 533 -3.49 -6.07 23.19
C LYS A 533 -2.68 -4.87 22.56
N SER A 534 -2.35 -4.98 21.28
CA SER A 534 -1.59 -3.94 20.65
C SER A 534 -2.32 -2.61 20.71
N ALA A 535 -3.59 -2.62 20.39
CA ALA A 535 -4.39 -1.42 20.46
C ALA A 535 -4.33 -0.81 21.87
N LYS A 536 -4.34 -1.68 22.89
CA LYS A 536 -4.40 -1.16 24.26
C LYS A 536 -3.09 -0.46 24.57
N TRP A 537 -1.99 -0.98 24.00
CA TRP A 537 -0.68 -0.41 24.19
C TRP A 537 -0.61 0.99 23.54
N PHE A 538 -1.18 1.12 22.37
CA PHE A 538 -1.21 2.45 21.75
C PHE A 538 -1.99 3.45 22.59
N ALA A 539 -3.05 2.99 23.25
CA ALA A 539 -3.84 3.84 24.08
C ALA A 539 -2.93 4.39 25.22
N LYS A 540 -2.11 3.55 25.84
CA LYS A 540 -1.18 4.06 26.86
C LYS A 540 -0.11 4.94 26.18
N PHE A 541 0.55 4.44 25.13
CA PHE A 541 1.56 5.14 24.43
C PHE A 541 1.12 6.55 24.10
N ASN A 542 -0.11 6.71 23.57
CA ASN A 542 -0.69 8.04 23.19
C ASN A 542 -1.31 8.79 24.36
N SER A 543 -1.12 8.27 25.60
CA SER A 543 -1.56 8.93 26.89
C SER A 543 -2.99 9.24 26.87
N VAL A 544 -3.81 8.27 26.47
CA VAL A 544 -5.31 8.44 26.39
C VAL A 544 -6.02 8.32 27.82
#